data_7QVN
#
_entry.id   7QVN
#
_cell.length_a   50.495
_cell.length_b   68.918
_cell.length_c   117.345
_cell.angle_alpha   90.000
_cell.angle_beta   90.000
_cell.angle_gamma   90.000
#
_symmetry.space_group_name_H-M   'I 2 2 2'
#
loop_
_entity.id
_entity.type
_entity.pdbx_description
1 polymer 'Cholinephosphate cytidylyltransferase'
2 non-polymer 1~{H}-pyrazol-5-ylmethanol
3 non-polymer Guanidinium
4 water water
#
_entity_poly.entity_id   1
_entity_poly.type   'polypeptide(L)'
_entity_poly.pdbx_seq_one_letter_code
;GHMAVPDDDDDDDNSNDESEYESSQMDSEKNKGSIKNSKNVVIYADGVYDMLHLGHMKQLEQAKKLFENTTLIVGVTSDN
ETKLFKGQVVQTLEERTETLKHIRWVDEIISPCPWVVTPEFLEKYKIDYVAHDDIPYANNQKEDIYAWLKRAGKFKATQR
TEGVSTTDLIVRILKNYEDY
;
_entity_poly.pdbx_strand_id   A
#
loop_
_chem_comp.id
_chem_comp.type
_chem_comp.name
_chem_comp.formula
GZ6 non-polymer Guanidinium 'C H6 N3 1'
IRU non-polymer 1~{H}-pyrazol-5-ylmethanol 'C4 H6 N2 O'
#
# COMPACT_ATOMS: atom_id res chain seq x y z
N SER A 38 16.67 -20.11 -3.43
CA SER A 38 15.24 -19.94 -3.69
C SER A 38 15.01 -18.87 -4.77
N LYS A 39 13.93 -19.05 -5.54
CA LYS A 39 13.68 -18.22 -6.72
C LYS A 39 13.05 -16.88 -6.30
N ASN A 40 13.13 -15.91 -7.21
CA ASN A 40 12.60 -14.58 -6.92
C ASN A 40 11.08 -14.58 -7.11
N VAL A 41 10.38 -13.99 -6.14
CA VAL A 41 8.93 -13.95 -6.11
C VAL A 41 8.50 -12.49 -6.22
N VAL A 42 7.56 -12.23 -7.12
CA VAL A 42 7.10 -10.87 -7.35
C VAL A 42 5.83 -10.63 -6.53
N ILE A 43 5.89 -9.67 -5.61
CA ILE A 43 4.79 -9.29 -4.74
C ILE A 43 4.24 -7.95 -5.18
N TYR A 44 2.93 -7.83 -5.21
CA TYR A 44 2.25 -6.58 -5.51
C TYR A 44 1.47 -6.14 -4.28
N ALA A 45 1.68 -4.89 -3.87
CA ALA A 45 0.85 -4.23 -2.87
C ALA A 45 0.39 -2.90 -3.42
N ASP A 46 -0.82 -2.48 -3.07
CA ASP A 46 -1.29 -1.18 -3.53
C ASP A 46 -1.99 -0.44 -2.39
N GLY A 47 -2.26 0.83 -2.63
CA GLY A 47 -2.94 1.64 -1.64
C GLY A 47 -2.81 3.11 -1.98
N VAL A 48 -3.38 3.93 -1.10
CA VAL A 48 -3.29 5.38 -1.25
C VAL A 48 -1.93 5.89 -0.78
N TYR A 49 -1.46 5.44 0.38
CA TYR A 49 -0.22 5.94 0.99
C TYR A 49 -0.25 7.45 1.16
N ASP A 50 -1.41 7.98 1.59
CA ASP A 50 -1.47 9.39 1.96
C ASP A 50 -0.74 9.57 3.29
N MET A 51 0.03 10.65 3.39
CA MET A 51 0.70 10.96 4.66
C MET A 51 1.38 9.70 5.25
N LEU A 52 2.34 9.19 4.47
CA LEU A 52 3.00 7.92 4.77
C LEU A 52 3.49 7.87 6.21
N HIS A 53 3.15 6.80 6.92
CA HIS A 53 3.52 6.70 8.31
C HIS A 53 4.05 5.29 8.62
N LEU A 54 4.41 5.08 9.88
CA LEU A 54 5.00 3.82 10.31
C LEU A 54 4.09 2.63 9.99
N GLY A 55 2.78 2.83 10.04
CA GLY A 55 1.87 1.75 9.69
C GLY A 55 2.04 1.29 8.25
N HIS A 56 2.16 2.23 7.31
CA HIS A 56 2.40 1.83 5.92
C HIS A 56 3.72 1.11 5.79
N MET A 57 4.76 1.70 6.35
CA MET A 57 6.11 1.14 6.26
C MET A 57 6.15 -0.30 6.77
N LYS A 58 5.55 -0.56 7.93
CA LYS A 58 5.57 -1.91 8.47
C LYS A 58 4.84 -2.87 7.54
N GLN A 59 3.71 -2.44 6.95
CA GLN A 59 2.98 -3.26 6.00
C GLN A 59 3.80 -3.56 4.75
N LEU A 60 4.43 -2.54 4.18
CA LEU A 60 5.33 -2.76 3.08
C LEU A 60 6.45 -3.72 3.46
N GLU A 61 7.04 -3.52 4.65
CA GLU A 61 8.09 -4.43 5.08
C GLU A 61 7.59 -5.86 5.10
N GLN A 62 6.37 -6.06 5.57
CA GLN A 62 5.83 -7.41 5.68
C GLN A 62 5.64 -8.02 4.30
N ALA A 63 5.04 -7.28 3.37
CA ALA A 63 4.94 -7.77 2.01
C ALA A 63 6.31 -8.13 1.44
N LYS A 64 7.30 -7.25 1.64
CA LYS A 64 8.63 -7.49 1.10
C LYS A 64 9.23 -8.76 1.63
N LYS A 65 8.88 -9.16 2.86
CA LYS A 65 9.50 -10.31 3.50
C LYS A 65 8.63 -11.57 3.44
N LEU A 66 7.56 -11.57 2.63
CA LEU A 66 6.74 -12.77 2.52
C LEU A 66 7.57 -13.98 2.11
N PHE A 67 8.58 -13.79 1.26
CA PHE A 67 9.50 -14.85 0.89
C PHE A 67 10.93 -14.35 0.99
N GLU A 68 11.86 -15.29 0.94
CA GLU A 68 13.28 -15.02 1.05
C GLU A 68 13.73 -13.99 0.02
N ASN A 69 13.41 -14.21 -1.24
CA ASN A 69 13.84 -13.34 -2.34
C ASN A 69 12.60 -12.82 -3.04
N THR A 70 12.38 -11.51 -2.97
CA THR A 70 11.22 -10.91 -3.57
C THR A 70 11.59 -9.64 -4.35
N THR A 71 10.69 -9.27 -5.27
CA THR A 71 10.59 -7.94 -5.82
C THR A 71 9.25 -7.39 -5.38
N LEU A 72 9.25 -6.34 -4.56
CA LEU A 72 8.00 -5.74 -4.09
C LEU A 72 7.63 -4.61 -5.04
N ILE A 73 6.50 -4.77 -5.74
CA ILE A 73 5.93 -3.72 -6.56
C ILE A 73 4.81 -3.08 -5.75
N VAL A 74 4.81 -1.77 -5.69
CA VAL A 74 3.82 -1.02 -4.91
C VAL A 74 3.03 -0.18 -5.89
N GLY A 75 1.70 -0.28 -5.81
CA GLY A 75 0.83 0.52 -6.66
C GLY A 75 0.22 1.64 -5.84
N VAL A 76 0.16 2.83 -6.45
CA VAL A 76 -0.32 4.04 -5.79
C VAL A 76 -1.56 4.50 -6.54
N THR A 77 -2.67 4.62 -5.82
CA THR A 77 -3.94 4.92 -6.47
C THR A 77 -3.99 6.39 -6.90
N SER A 78 -4.66 6.63 -8.03
CA SER A 78 -4.80 7.98 -8.56
C SER A 78 -5.62 8.87 -7.61
N ASP A 79 -5.45 10.19 -7.76
CA ASP A 79 -6.23 11.13 -6.95
C ASP A 79 -7.71 11.02 -7.29
N ASN A 80 -8.04 11.12 -8.58
CA ASN A 80 -9.44 11.13 -8.98
CA ASN A 80 -9.43 11.09 -9.03
C ASN A 80 -10.17 9.89 -8.46
N GLU A 81 -9.59 8.71 -8.64
CA GLU A 81 -10.31 7.50 -8.25
C GLU A 81 -10.34 7.34 -6.73
N THR A 82 -9.28 7.76 -6.04
CA THR A 82 -9.30 7.64 -4.59
C THR A 82 -10.40 8.52 -4.00
N LYS A 83 -10.50 9.76 -4.47
CA LYS A 83 -11.50 10.67 -3.90
C LYS A 83 -12.92 10.20 -4.23
N LEU A 84 -13.11 9.66 -5.43
CA LEU A 84 -14.46 9.25 -5.86
C LEU A 84 -14.96 8.04 -5.06
N PHE A 85 -14.09 7.06 -4.83
CA PHE A 85 -14.46 5.74 -4.31
C PHE A 85 -14.12 5.50 -2.85
N LYS A 86 -13.12 6.16 -2.28
CA LYS A 86 -12.68 5.85 -0.93
C LYS A 86 -12.81 7.03 0.02
N GLY A 87 -12.21 8.18 -0.30
CA GLY A 87 -12.36 9.35 0.53
C GLY A 87 -11.28 10.38 0.23
N GLN A 88 -11.19 11.35 1.11
CA GLN A 88 -10.31 12.49 0.90
C GLN A 88 -8.83 12.09 1.00
N VAL A 89 -8.01 12.81 0.23
CA VAL A 89 -6.58 12.57 0.14
C VAL A 89 -5.89 13.92 0.21
N VAL A 90 -4.91 14.04 1.11
CA VAL A 90 -4.20 15.30 1.31
C VAL A 90 -3.16 15.51 0.20
N GLN A 91 -2.32 14.51 -0.05
CA GLN A 91 -1.19 14.65 -0.96
C GLN A 91 -1.57 14.20 -2.37
N THR A 92 -1.01 14.89 -3.36
CA THR A 92 -1.18 14.47 -4.75
C THR A 92 -0.51 13.12 -5.02
N LEU A 93 -0.80 12.57 -6.21
CA LEU A 93 -0.20 11.31 -6.64
C LEU A 93 1.31 11.43 -6.71
N GLU A 94 1.80 12.54 -7.27
CA GLU A 94 3.23 12.74 -7.38
C GLU A 94 3.87 12.81 -5.99
N GLU A 95 3.23 13.50 -5.05
CA GLU A 95 3.74 13.57 -3.68
C GLU A 95 3.75 12.20 -3.01
N ARG A 96 2.65 11.47 -3.11
CA ARG A 96 2.56 10.19 -2.43
C ARG A 96 3.55 9.22 -3.00
N THR A 97 3.84 9.35 -4.30
CA THR A 97 4.75 8.46 -5.00
C THR A 97 6.19 8.80 -4.67
N GLU A 98 6.52 10.09 -4.63
CA GLU A 98 7.88 10.53 -4.36
C GLU A 98 8.31 10.12 -2.96
N THR A 99 7.38 10.12 -2.01
CA THR A 99 7.75 9.69 -0.66
C THR A 99 8.05 8.19 -0.62
N LEU A 100 7.26 7.39 -1.35
CA LEU A 100 7.44 5.94 -1.35
C LEU A 100 8.78 5.49 -1.92
N LYS A 101 9.37 6.27 -2.83
CA LYS A 101 10.67 5.85 -3.36
C LYS A 101 11.76 5.89 -2.30
N HIS A 102 11.55 6.57 -1.17
CA HIS A 102 12.54 6.58 -0.10
C HIS A 102 12.43 5.38 0.83
N ILE A 103 11.46 4.50 0.64
CA ILE A 103 11.20 3.42 1.57
C ILE A 103 11.99 2.20 1.10
N ARG A 104 12.79 1.62 1.99
CA ARG A 104 13.77 0.64 1.54
C ARG A 104 13.13 -0.65 1.03
N TRP A 105 11.93 -1.00 1.51
CA TRP A 105 11.32 -2.24 1.06
C TRP A 105 10.78 -2.18 -0.37
N VAL A 106 10.69 -0.98 -0.94
CA VAL A 106 9.97 -0.77 -2.20
C VAL A 106 10.95 -0.98 -3.34
N ASP A 107 10.65 -1.94 -4.22
CA ASP A 107 11.53 -2.22 -5.35
C ASP A 107 11.03 -1.58 -6.64
N GLU A 108 9.73 -1.58 -6.86
CA GLU A 108 9.17 -0.89 -8.03
C GLU A 108 7.86 -0.23 -7.64
N ILE A 109 7.51 0.82 -8.38
CA ILE A 109 6.27 1.53 -8.14
C ILE A 109 5.51 1.64 -9.47
N ILE A 110 4.22 1.32 -9.42
CA ILE A 110 3.28 1.61 -10.51
C ILE A 110 2.42 2.78 -10.09
N SER A 111 2.54 3.89 -10.77
CA SER A 111 1.86 5.09 -10.30
C SER A 111 1.39 5.90 -11.49
N PRO A 112 0.07 6.04 -11.72
CA PRO A 112 -1.01 5.48 -10.91
C PRO A 112 -1.21 3.98 -11.16
N CYS A 113 -1.65 3.28 -10.15
CA CYS A 113 -2.04 1.90 -10.39
C CYS A 113 -3.53 1.84 -10.71
N PRO A 114 -4.02 0.72 -11.23
CA PRO A 114 -5.46 0.60 -11.47
C PRO A 114 -6.21 0.54 -10.14
N TRP A 115 -7.42 1.09 -10.15
CA TRP A 115 -8.26 1.02 -8.95
C TRP A 115 -8.66 -0.41 -8.63
N VAL A 116 -8.95 -1.23 -9.65
CA VAL A 116 -9.29 -2.63 -9.48
C VAL A 116 -8.17 -3.48 -10.06
N VAL A 117 -7.65 -4.41 -9.25
CA VAL A 117 -6.69 -5.39 -9.72
C VAL A 117 -7.42 -6.46 -10.53
N THR A 118 -6.90 -6.77 -11.70
CA THR A 118 -7.44 -7.76 -12.62
C THR A 118 -6.43 -8.86 -12.91
N PRO A 119 -6.89 -10.06 -13.34
CA PRO A 119 -5.93 -11.13 -13.68
C PRO A 119 -5.01 -10.75 -14.81
N GLU A 120 -5.50 -10.00 -15.80
CA GLU A 120 -4.63 -9.49 -16.85
C GLU A 120 -3.52 -8.62 -16.26
N PHE A 121 -3.84 -7.76 -15.31
CA PHE A 121 -2.83 -6.91 -14.68
C PHE A 121 -1.74 -7.75 -14.02
N LEU A 122 -2.10 -8.85 -13.36
CA LEU A 122 -1.09 -9.70 -12.77
C LEU A 122 -0.22 -10.37 -13.85
N GLU A 123 -0.83 -10.79 -14.95
CA GLU A 123 -0.04 -11.42 -16.00
C GLU A 123 0.94 -10.41 -16.61
N LYS A 124 0.50 -9.17 -16.78
CA LYS A 124 1.36 -8.18 -17.45
C LYS A 124 2.63 -7.90 -16.64
N TYR A 125 2.53 -7.85 -15.31
CA TYR A 125 3.67 -7.54 -14.45
C TYR A 125 4.27 -8.78 -13.77
N LYS A 126 3.93 -9.98 -14.25
CA LYS A 126 4.43 -11.22 -13.70
C LYS A 126 4.39 -11.21 -12.17
N ILE A 127 3.23 -10.83 -11.63
CA ILE A 127 3.01 -10.79 -10.18
C ILE A 127 2.64 -12.18 -9.69
N ASP A 128 3.37 -12.66 -8.68
CA ASP A 128 3.03 -13.97 -8.14
C ASP A 128 2.04 -13.90 -6.99
N TYR A 129 2.08 -12.84 -6.18
CA TYR A 129 1.18 -12.72 -5.04
C TYR A 129 0.76 -11.28 -4.86
N VAL A 130 -0.48 -11.09 -4.44
CA VAL A 130 -0.98 -9.79 -4.02
C VAL A 130 -0.99 -9.80 -2.51
N ALA A 131 -0.35 -8.80 -1.90
CA ALA A 131 -0.27 -8.71 -0.46
C ALA A 131 -1.23 -7.62 -0.04
N HIS A 132 -2.26 -7.99 0.73
CA HIS A 132 -3.28 -7.07 1.20
C HIS A 132 -3.64 -7.41 2.63
N ASP A 133 -4.35 -6.52 3.29
CA ASP A 133 -4.66 -6.67 4.71
C ASP A 133 -6.05 -7.22 4.98
N ASP A 144 -15.56 -11.98 -1.28
CA ASP A 144 -15.05 -10.63 -1.11
C ASP A 144 -14.57 -10.07 -2.44
N ILE A 145 -13.89 -8.92 -2.38
CA ILE A 145 -13.34 -8.33 -3.60
C ILE A 145 -12.10 -9.10 -4.07
N TYR A 146 -11.29 -9.57 -3.13
CA TYR A 146 -10.13 -10.39 -3.42
C TYR A 146 -10.44 -11.89 -3.46
N ALA A 147 -11.68 -12.28 -3.77
CA ALA A 147 -12.02 -13.70 -3.77
C ALA A 147 -11.26 -14.45 -4.84
N TRP A 148 -11.33 -13.98 -6.08
CA TRP A 148 -10.60 -14.65 -7.15
C TRP A 148 -9.12 -14.76 -6.85
N LEU A 149 -8.56 -13.79 -6.11
CA LEU A 149 -7.14 -13.85 -5.78
C LEU A 149 -6.86 -15.05 -4.89
N LYS A 150 -7.75 -15.34 -3.96
CA LYS A 150 -7.53 -16.47 -3.07
C LYS A 150 -7.76 -17.78 -3.82
N ARG A 151 -8.76 -17.81 -4.71
CA ARG A 151 -9.01 -19.00 -5.53
C ARG A 151 -7.82 -19.31 -6.41
N ALA A 152 -7.12 -18.29 -6.89
CA ALA A 152 -5.93 -18.51 -7.71
C ALA A 152 -4.68 -18.76 -6.88
N GLY A 153 -4.80 -18.79 -5.55
CA GLY A 153 -3.61 -18.98 -4.72
C GLY A 153 -2.66 -17.80 -4.69
N LYS A 154 -3.10 -16.62 -5.14
CA LYS A 154 -2.23 -15.47 -5.29
C LYS A 154 -2.44 -14.42 -4.19
N PHE A 155 -3.00 -14.82 -3.05
CA PHE A 155 -3.34 -13.89 -1.99
C PHE A 155 -2.49 -14.16 -0.75
N LYS A 156 -1.90 -13.09 -0.20
CA LYS A 156 -1.09 -13.17 1.00
C LYS A 156 -1.51 -12.01 1.91
N ALA A 157 -1.90 -12.33 3.13
CA ALA A 157 -2.39 -11.31 4.05
C ALA A 157 -1.24 -10.62 4.75
N THR A 158 -1.43 -9.33 5.03
CA THR A 158 -0.53 -8.53 5.85
C THR A 158 -1.37 -7.69 6.80
N GLN A 159 -0.75 -7.25 7.89
CA GLN A 159 -1.47 -6.69 9.03
C GLN A 159 -1.35 -5.17 9.12
N ARG A 160 -2.39 -4.56 9.66
CA ARG A 160 -2.39 -3.15 9.98
C ARG A 160 -1.91 -2.95 11.42
N THR A 161 -1.24 -1.83 11.63
CA THR A 161 -0.80 -1.40 12.96
C THR A 161 -1.63 -0.20 13.36
N GLU A 162 -2.38 -0.32 14.45
CA GLU A 162 -3.15 0.82 14.94
C GLU A 162 -2.24 1.76 15.73
N GLY A 163 -2.65 3.03 15.79
CA GLY A 163 -2.06 3.99 16.71
C GLY A 163 -0.81 4.70 16.22
N VAL A 164 -0.31 4.37 15.03
CA VAL A 164 0.97 4.90 14.56
C VAL A 164 0.78 5.91 13.44
N SER A 165 -0.44 6.34 13.19
CA SER A 165 -0.73 7.11 11.98
C SER A 165 -0.30 8.56 12.14
N THR A 166 -0.17 9.24 10.99
CA THR A 166 0.19 10.65 11.00
C THR A 166 -0.86 11.46 11.77
N THR A 167 -2.15 11.17 11.55
CA THR A 167 -3.19 11.92 12.26
C THR A 167 -3.14 11.64 13.76
N ASP A 168 -2.83 10.40 14.14
CA ASP A 168 -2.63 10.08 15.54
C ASP A 168 -1.57 10.97 16.18
N LEU A 169 -0.54 11.35 15.43
CA LEU A 169 0.46 12.26 16.00
C LEU A 169 -0.10 13.65 16.23
N ILE A 170 -0.95 14.14 15.32
CA ILE A 170 -1.56 15.44 15.58
C ILE A 170 -2.42 15.37 16.83
N VAL A 171 -3.17 14.28 17.00
CA VAL A 171 -3.97 14.15 18.21
C VAL A 171 -3.09 14.25 19.45
N ARG A 172 -1.90 13.65 19.41
CA ARG A 172 -0.94 13.77 20.50
C ARG A 172 -0.53 15.21 20.74
N ILE A 173 -0.23 15.94 19.66
CA ILE A 173 0.13 17.34 19.81
C ILE A 173 -1.00 18.07 20.52
N LEU A 174 -2.24 17.85 20.07
CA LEU A 174 -3.37 18.60 20.59
C LEU A 174 -3.57 18.38 22.08
N LYS A 175 -3.18 17.23 22.61
CA LYS A 175 -3.47 16.93 24.01
C LYS A 175 -2.61 17.71 24.99
N ASN A 176 -1.54 18.36 24.53
CA ASN A 176 -0.82 19.33 25.34
C ASN A 176 -1.72 20.48 25.81
N TYR A 177 -2.94 20.58 25.30
CA TYR A 177 -3.80 21.73 25.53
C TYR A 177 -5.04 21.26 26.29
N GLU A 178 -5.00 21.41 27.61
CA GLU A 178 -6.12 21.07 28.44
C GLU A 178 -7.36 21.80 27.95
N ASP A 179 -8.48 21.07 27.90
CA ASP A 179 -9.77 21.69 27.57
C ASP A 179 -10.00 22.95 28.40
N TYR A 180 -9.58 22.95 29.66
CA TYR A 180 -9.84 24.09 30.54
C TYR A 180 -8.56 24.54 31.25
C02 IRU B . -7.63 0.99 -1.27
C03 IRU B . -7.33 0.51 -2.75
C04 IRU B . -8.04 0.74 -3.97
C05 IRU B . -7.36 0.09 -5.01
N06 IRU B . -6.27 -0.56 -4.54
N07 IRU B . -6.25 -0.31 -3.18
O01 IRU B . -6.93 2.12 -0.97
H022 IRU B . -7.43 0.33 -0.63
H021 IRU B . -8.54 1.12 -1.10
H041 IRU B . -8.83 1.22 -4.06
H051 IRU B . -7.59 0.09 -5.91
H071 IRU B . -5.63 -0.64 -2.67
H011 IRU B . -6.66 2.47 -1.64
C GZ6 C . 6.57 -19.38 -5.24
N1 GZ6 C . 7.81 -19.91 -5.20
N2 GZ6 C . 6.05 -19.16 -6.49
N3 GZ6 C . 5.98 -19.15 -4.12
H1 GZ6 C . 8.29 -20.12 -6.06
H2 GZ6 C . 6.53 -19.37 -7.36
H3 GZ6 C . 5.13 -18.77 -6.67
H4 GZ6 C . 6.48 -19.39 -3.27
H6 GZ6 C . 8.24 -20.11 -4.30
C GZ6 D . 7.21 -1.60 -14.17
N1 GZ6 D . 7.76 -2.55 -15.00
N2 GZ6 D . 7.27 -1.88 -12.85
N3 GZ6 D . 6.68 -0.47 -14.54
H1 GZ6 D . 8.17 -3.42 -14.68
H2 GZ6 D . 7.68 -2.74 -12.54
H3 GZ6 D . 6.89 -1.21 -12.19
H4 GZ6 D . 6.34 0.13 -13.80
H6 GZ6 D . 7.78 -2.48 -16.01
#